data_8RAI
#
_entry.id   8RAI
#
_cell.length_a   85.749
_cell.length_b   72.750
_cell.length_c   52.341
_cell.angle_alpha   90.00
_cell.angle_beta   100.77
_cell.angle_gamma   90.00
#
_symmetry.space_group_name_H-M   'C 1 2 1'
#
loop_
_entity.id
_entity.type
_entity.pdbx_description
1 polymer 'Aminotransferase class IV'
2 non-polymer '[6-methyl-5-oxidanyl-4-[(2-phenylhydrazinyl)methyl]pyridin-3-yl]methyl dihydrogen phosphate'
3 non-polymer GLYCEROL
4 water water
#
_entity_poly.entity_id   1
_entity_poly.type   'polypeptide(L)'
_entity_poly.pdbx_seq_one_letter_code
;GHMIKYYNINGQQVPVENATLHVSDLSILRGYGIFDYFLAREGHPLFLDDYLNRFYRSAAELYLEIPFDKAELRRQIYAL
LQANEVREAGIILVLTGGYSPDGYTPVNPNLLIMMYDLPASAWEFSAQGIKIITHPFQRELPEVKTINYSTGIRMLKTIK
ERGATDLIYVDQGEWIRESARSNFFLVMPDNTIVTADEKILWGITRRQVIDAAREAGYAVEERRIHITELDQAREAFFTS
TIKGVMAIGQIDDRVFGDGTIGKVTQELQDLFVGKVKAYLETC
;
_entity_poly.pdbx_strand_id   A
#
loop_
_chem_comp.id
_chem_comp.type
_chem_comp.name
_chem_comp.formula
GOL non-polymer GLYCEROL 'C3 H8 O3'
ZXN non-polymer '[6-methyl-5-oxidanyl-4-[(2-phenylhydrazinyl)methyl]pyridin-3-yl]methyl dihydrogen phosphate' 'C14 H16 N3 O5 P'
#
# COMPACT_ATOMS: atom_id res chain seq x y z
N HIS A 2 18.63 13.66 -10.08
CA HIS A 2 17.49 14.60 -9.78
C HIS A 2 17.60 15.13 -8.33
N MET A 3 16.60 15.92 -7.88
CA MET A 3 16.30 16.34 -6.47
C MET A 3 14.87 16.88 -6.44
N ILE A 4 14.04 16.63 -5.42
CA ILE A 4 12.58 16.95 -5.58
C ILE A 4 12.37 18.44 -5.31
N LYS A 5 11.86 19.17 -6.27
CA LYS A 5 11.74 20.66 -6.17
CA LYS A 5 11.75 20.67 -6.19
C LYS A 5 10.32 21.03 -5.77
N TYR A 6 9.34 20.32 -6.27
CA TYR A 6 7.92 20.77 -6.15
C TYR A 6 7.04 19.67 -5.59
N TYR A 7 6.03 20.05 -4.82
CA TYR A 7 4.79 19.26 -4.61
C TYR A 7 3.64 20.00 -5.29
N ASN A 8 2.46 19.43 -5.23
CA ASN A 8 1.24 20.09 -5.77
C ASN A 8 0.21 20.18 -4.63
N ILE A 9 -0.25 21.39 -4.31
CA ILE A 9 -1.34 21.53 -3.34
C ILE A 9 -2.50 22.20 -4.06
N ASN A 10 -3.61 21.49 -4.14
CA ASN A 10 -4.87 22.00 -4.72
C ASN A 10 -4.63 22.54 -6.15
N GLY A 11 -3.94 21.79 -7.00
CA GLY A 11 -3.73 22.13 -8.41
C GLY A 11 -2.56 23.10 -8.67
N GLN A 12 -1.86 23.55 -7.64
CA GLN A 12 -0.78 24.55 -7.79
C GLN A 12 0.55 23.86 -7.45
N GLN A 13 1.52 23.91 -8.35
CA GLN A 13 2.89 23.46 -8.03
C GLN A 13 3.48 24.43 -7.02
N VAL A 14 4.06 23.90 -5.95
CA VAL A 14 4.66 24.76 -4.90
CA VAL A 14 4.60 24.66 -4.79
C VAL A 14 6.00 24.14 -4.51
N PRO A 15 7.00 24.99 -4.28
CA PRO A 15 8.28 24.50 -3.78
C PRO A 15 8.03 23.68 -2.51
N VAL A 16 8.79 22.59 -2.34
CA VAL A 16 8.59 21.63 -1.23
C VAL A 16 8.65 22.39 0.09
N GLU A 17 9.53 23.39 0.20
CA GLU A 17 9.72 24.13 1.48
C GLU A 17 8.53 25.06 1.73
N ASN A 18 7.65 25.29 0.77
CA ASN A 18 6.47 26.16 0.99
C ASN A 18 5.22 25.30 1.03
N ALA A 19 5.34 23.98 0.99
CA ALA A 19 4.15 23.09 0.96
C ALA A 19 3.64 22.88 2.37
N THR A 20 2.61 23.65 2.77
CA THR A 20 2.06 23.68 4.15
C THR A 20 0.52 23.70 4.09
N LEU A 21 -0.11 23.28 5.16
CA LEU A 21 -1.54 23.42 5.45
C LEU A 21 -1.72 24.25 6.73
N HIS A 22 -2.72 25.11 6.73
CA HIS A 22 -3.20 25.76 7.96
C HIS A 22 -3.66 24.70 8.97
N VAL A 23 -3.49 25.00 10.27
CA VAL A 23 -3.62 24.04 11.38
C VAL A 23 -5.09 23.66 11.55
N SER A 24 -6.02 24.38 10.92
CA SER A 24 -7.49 24.09 10.95
C SER A 24 -7.84 22.91 10.01
N ASP A 25 -6.89 22.40 9.23
CA ASP A 25 -7.14 21.23 8.33
C ASP A 25 -7.60 20.04 9.18
N LEU A 26 -8.68 19.37 8.77
CA LEU A 26 -9.24 18.23 9.53
C LEU A 26 -8.29 17.03 9.62
N SER A 27 -7.31 16.84 8.73
CA SER A 27 -6.33 15.74 8.87
C SER A 27 -5.54 15.97 10.18
N ILE A 28 -5.12 17.20 10.40
CA ILE A 28 -4.33 17.61 11.58
C ILE A 28 -5.18 17.43 12.85
N LEU A 29 -6.42 17.93 12.86
CA LEU A 29 -7.23 17.98 14.09
C LEU A 29 -7.95 16.65 14.35
N ARG A 30 -8.39 15.94 13.29
CA ARG A 30 -9.39 14.86 13.43
C ARG A 30 -8.99 13.59 12.64
N GLY A 31 -7.81 13.59 12.03
CA GLY A 31 -7.35 12.42 11.25
C GLY A 31 -8.35 12.07 10.15
N TYR A 32 -8.94 13.09 9.55
CA TYR A 32 -10.02 12.85 8.58
C TYR A 32 -9.41 13.02 7.20
N GLY A 33 -9.23 11.93 6.49
CA GLY A 33 -8.64 12.02 5.14
C GLY A 33 -8.42 10.66 4.51
N ILE A 34 -8.10 10.68 3.24
CA ILE A 34 -7.75 9.42 2.55
C ILE A 34 -6.46 9.69 1.80
N PHE A 35 -5.85 8.64 1.31
CA PHE A 35 -4.61 8.81 0.52
C PHE A 35 -4.42 7.59 -0.38
N ASP A 36 -3.45 7.74 -1.25
CA ASP A 36 -2.94 6.63 -2.09
C ASP A 36 -1.45 6.90 -2.32
N TYR A 37 -0.74 5.85 -2.69
CA TYR A 37 0.73 5.85 -2.87
C TYR A 37 1.05 4.85 -3.98
N PHE A 38 1.84 5.27 -4.95
CA PHE A 38 2.17 4.39 -6.09
C PHE A 38 3.57 4.79 -6.55
N LEU A 39 4.21 3.89 -7.29
CA LEU A 39 5.56 4.12 -7.83
C LEU A 39 5.42 4.61 -9.27
N ALA A 40 6.42 5.34 -9.75
CA ALA A 40 6.58 5.64 -11.19
C ALA A 40 7.90 5.02 -11.65
N ARG A 41 7.89 4.37 -12.81
CA ARG A 41 9.10 3.86 -13.47
CA ARG A 41 9.12 3.88 -13.47
C ARG A 41 9.06 4.29 -14.94
N GLU A 42 10.20 4.59 -15.52
CA GLU A 42 10.32 5.02 -16.94
C GLU A 42 9.38 6.20 -17.16
N GLY A 43 9.19 7.07 -16.17
CA GLY A 43 8.30 8.23 -16.31
C GLY A 43 6.82 7.92 -16.17
N HIS A 44 6.41 6.72 -15.79
CA HIS A 44 4.97 6.33 -15.79
C HIS A 44 4.58 5.79 -14.41
N PRO A 45 3.60 6.41 -13.72
CA PRO A 45 3.01 5.80 -12.54
C PRO A 45 2.46 4.44 -12.94
N LEU A 46 2.76 3.43 -12.14
CA LEU A 46 2.39 2.02 -12.46
C LEU A 46 0.91 1.80 -12.21
N PHE A 47 0.24 1.05 -13.08
CA PHE A 47 -1.19 0.69 -12.90
C PHE A 47 -2.03 1.90 -12.48
N LEU A 48 -1.82 3.04 -13.12
CA LEU A 48 -2.26 4.32 -12.53
C LEU A 48 -3.79 4.36 -12.46
N ASP A 49 -4.44 3.87 -13.52
CA ASP A 49 -5.91 3.91 -13.52
C ASP A 49 -6.47 3.17 -12.30
N ASP A 50 -5.86 2.03 -11.91
CA ASP A 50 -6.34 1.23 -10.74
C ASP A 50 -6.13 2.04 -9.44
N TYR A 51 -4.95 2.64 -9.24
CA TYR A 51 -4.74 3.49 -8.06
C TYR A 51 -5.74 4.65 -8.06
N LEU A 52 -5.92 5.36 -9.17
CA LEU A 52 -6.83 6.54 -9.15
C LEU A 52 -8.25 6.07 -8.89
N ASN A 53 -8.67 4.96 -9.48
CA ASN A 53 -10.04 4.43 -9.22
C ASN A 53 -10.18 4.23 -7.71
N ARG A 54 -9.19 3.64 -7.05
CA ARG A 54 -9.28 3.37 -5.58
C ARG A 54 -9.33 4.72 -4.82
N PHE A 55 -8.57 5.71 -5.28
CA PHE A 55 -8.53 7.05 -4.63
C PHE A 55 -9.91 7.68 -4.67
N TYR A 56 -10.58 7.64 -5.82
CA TYR A 56 -11.94 8.20 -5.99
C TYR A 56 -12.93 7.38 -5.13
N ARG A 57 -12.78 6.06 -5.06
CA ARG A 57 -13.66 5.19 -4.24
C ARG A 57 -13.46 5.52 -2.75
N SER A 58 -12.23 5.59 -2.27
CA SER A 58 -11.94 5.97 -0.86
C SER A 58 -12.57 7.33 -0.55
N ALA A 59 -12.38 8.31 -1.44
CA ALA A 59 -12.92 9.67 -1.24
C ALA A 59 -14.44 9.58 -1.10
N ALA A 60 -15.13 8.82 -1.95
CA ALA A 60 -16.61 8.74 -1.92
C ALA A 60 -17.09 8.24 -0.56
N GLU A 61 -16.36 7.31 0.05
CA GLU A 61 -16.71 6.68 1.35
C GLU A 61 -16.55 7.65 2.50
N LEU A 62 -15.72 8.68 2.36
CA LEU A 62 -15.65 9.73 3.40
C LEU A 62 -16.45 10.97 3.01
N TYR A 63 -17.23 10.89 1.92
CA TYR A 63 -18.06 12.00 1.33
C TYR A 63 -17.18 13.22 1.02
N LEU A 64 -15.95 12.99 0.56
CA LEU A 64 -15.02 14.09 0.21
C LEU A 64 -14.96 14.15 -1.33
N GLU A 65 -15.29 15.29 -1.89
CA GLU A 65 -15.25 15.48 -3.35
C GLU A 65 -13.86 15.89 -3.79
N ILE A 66 -13.25 15.10 -4.64
CA ILE A 66 -11.95 15.48 -5.26
C ILE A 66 -12.26 16.62 -6.20
N PRO A 67 -11.47 17.71 -6.19
CA PRO A 67 -11.82 18.92 -6.91
C PRO A 67 -11.60 18.78 -8.43
N PHE A 68 -10.82 17.79 -8.87
CA PHE A 68 -10.46 17.50 -10.29
C PHE A 68 -11.03 16.13 -10.69
N ASP A 69 -11.49 15.97 -11.95
CA ASP A 69 -11.84 14.62 -12.47
C ASP A 69 -10.55 13.81 -12.64
N LYS A 70 -10.67 12.50 -12.87
CA LYS A 70 -9.53 11.56 -12.94
C LYS A 70 -8.53 11.99 -14.02
N ALA A 71 -8.99 12.40 -15.22
CA ALA A 71 -8.10 12.82 -16.32
C ALA A 71 -7.29 14.04 -15.89
N GLU A 72 -7.87 14.95 -15.14
CA GLU A 72 -7.19 16.21 -14.75
C GLU A 72 -6.16 15.82 -13.66
N LEU A 73 -6.55 14.96 -12.72
CA LEU A 73 -5.63 14.51 -11.64
C LEU A 73 -4.39 13.83 -12.27
N ARG A 74 -4.62 12.94 -13.24
CA ARG A 74 -3.58 12.22 -14.01
C ARG A 74 -2.65 13.24 -14.68
N ARG A 75 -3.19 14.31 -15.26
CA ARG A 75 -2.41 15.43 -15.87
CA ARG A 75 -2.37 15.38 -15.89
C ARG A 75 -1.53 16.07 -14.79
N GLN A 76 -2.08 16.31 -13.61
CA GLN A 76 -1.28 17.01 -12.59
C GLN A 76 -0.12 16.13 -12.16
N ILE A 77 -0.36 14.82 -12.13
CA ILE A 77 0.66 13.86 -11.63
C ILE A 77 1.79 13.85 -12.65
N TYR A 78 1.46 13.74 -13.93
CA TYR A 78 2.47 13.72 -15.03
C TYR A 78 3.22 15.07 -15.03
N ALA A 79 2.48 16.14 -14.84
CA ALA A 79 3.05 17.50 -14.86
C ALA A 79 4.05 17.63 -13.72
N LEU A 80 3.74 16.99 -12.58
CA LEU A 80 4.62 17.07 -11.40
C LEU A 80 5.87 16.24 -11.67
N LEU A 81 5.74 15.07 -12.30
CA LEU A 81 6.95 14.26 -12.69
C LEU A 81 7.89 15.09 -13.57
N GLN A 82 7.31 15.82 -14.52
CA GLN A 82 8.04 16.63 -15.53
C GLN A 82 8.69 17.81 -14.83
N ALA A 83 7.98 18.45 -13.90
CA ALA A 83 8.47 19.65 -13.19
C ALA A 83 9.65 19.23 -12.29
N ASN A 84 9.58 18.02 -11.71
CA ASN A 84 10.68 17.54 -10.83
C ASN A 84 11.78 16.90 -11.68
N GLU A 85 11.50 16.68 -12.98
CA GLU A 85 12.44 16.04 -13.93
C GLU A 85 12.88 14.65 -13.43
N VAL A 86 11.93 13.79 -13.07
CA VAL A 86 12.21 12.43 -12.54
C VAL A 86 11.40 11.39 -13.31
N ARG A 87 12.00 10.21 -13.49
CA ARG A 87 11.42 9.07 -14.23
C ARG A 87 11.06 7.95 -13.25
N GLU A 88 11.78 7.86 -12.13
CA GLU A 88 11.59 6.87 -11.03
C GLU A 88 11.17 7.66 -9.79
N ALA A 89 10.05 7.32 -9.14
CA ALA A 89 9.55 8.08 -7.97
C ALA A 89 8.57 7.26 -7.15
N GLY A 90 8.43 7.66 -5.89
CA GLY A 90 7.24 7.40 -5.06
C GLY A 90 6.32 8.60 -5.09
N ILE A 91 5.02 8.37 -5.25
CA ILE A 91 4.05 9.48 -5.37
C ILE A 91 2.98 9.24 -4.30
N ILE A 92 2.75 10.23 -3.44
CA ILE A 92 1.62 10.23 -2.47
C ILE A 92 0.52 11.12 -2.98
N LEU A 93 -0.71 10.67 -2.86
CA LEU A 93 -1.89 11.54 -3.02
C LEU A 93 -2.53 11.62 -1.63
N VAL A 94 -2.90 12.80 -1.16
CA VAL A 94 -3.65 12.97 0.11
C VAL A 94 -4.87 13.84 -0.21
N LEU A 95 -6.00 13.45 0.34
CA LEU A 95 -7.25 14.21 0.33
C LEU A 95 -7.74 14.35 1.76
N THR A 96 -7.60 15.54 2.34
CA THR A 96 -8.00 15.81 3.74
C THR A 96 -9.46 16.26 3.78
N GLY A 97 -10.03 16.27 4.97
CA GLY A 97 -11.39 16.83 5.24
C GLY A 97 -11.44 18.33 5.07
N GLY A 98 -10.29 18.99 4.96
CA GLY A 98 -10.23 20.41 4.64
C GLY A 98 -10.26 21.29 5.85
N TYR A 99 -10.27 22.58 5.57
CA TYR A 99 -10.26 23.70 6.54
C TYR A 99 -11.68 23.85 7.11
N SER A 100 -12.05 22.99 8.05
CA SER A 100 -13.42 22.92 8.65
C SER A 100 -13.68 24.16 9.50
N PRO A 101 -14.86 24.83 9.38
CA PRO A 101 -15.23 25.91 10.31
C PRO A 101 -15.35 25.54 11.80
N ASP A 102 -15.68 24.29 12.12
CA ASP A 102 -16.02 23.85 13.48
C ASP A 102 -15.10 22.73 13.96
N GLY A 103 -14.01 22.43 13.22
CA GLY A 103 -13.06 21.43 13.70
C GLY A 103 -13.67 20.04 13.69
N TYR A 104 -14.65 19.80 12.81
CA TYR A 104 -15.38 18.51 12.74
C TYR A 104 -16.08 18.30 11.39
N THR A 105 -16.90 19.22 10.89
CA THR A 105 -17.66 19.09 9.63
C THR A 105 -16.72 19.31 8.44
N PRO A 106 -16.58 18.30 7.56
CA PRO A 106 -15.75 18.41 6.37
C PRO A 106 -16.40 19.36 5.37
N VAL A 107 -15.50 20.00 4.66
CA VAL A 107 -15.82 21.02 3.64
C VAL A 107 -15.01 20.65 2.40
N ASN A 108 -14.65 21.62 1.58
CA ASN A 108 -13.79 21.33 0.42
C ASN A 108 -12.52 20.70 1.02
N PRO A 109 -12.16 19.53 0.53
CA PRO A 109 -10.89 18.90 0.88
C PRO A 109 -9.67 19.69 0.41
N ASN A 110 -8.53 19.47 1.07
CA ASN A 110 -7.23 19.86 0.53
C ASN A 110 -6.65 18.62 -0.16
N LEU A 111 -6.16 18.82 -1.36
CA LEU A 111 -5.57 17.74 -2.18
C LEU A 111 -4.07 18.01 -2.25
N LEU A 112 -3.27 17.03 -1.87
CA LEU A 112 -1.78 17.08 -1.93
C LEU A 112 -1.29 16.03 -2.91
N ILE A 113 -0.33 16.40 -3.75
CA ILE A 113 0.47 15.41 -4.52
C ILE A 113 1.90 15.64 -4.07
N MET A 114 2.48 14.65 -3.43
CA MET A 114 3.87 14.72 -2.96
C MET A 114 4.70 13.66 -3.69
N MET A 115 6.00 13.90 -3.79
CA MET A 115 6.91 13.04 -4.59
C MET A 115 8.23 12.83 -3.87
N TYR A 116 8.74 11.61 -3.99
CA TYR A 116 9.99 11.19 -3.34
CA TYR A 116 9.97 11.13 -3.32
C TYR A 116 10.81 10.35 -4.32
N ASP A 117 12.06 10.09 -3.97
CA ASP A 117 12.90 9.09 -4.69
C ASP A 117 12.15 7.76 -4.62
N LEU A 118 12.29 6.94 -5.65
CA LEU A 118 11.85 5.53 -5.59
C LEU A 118 12.51 4.94 -4.35
N PRO A 119 11.75 4.28 -3.44
CA PRO A 119 12.36 3.77 -2.20
C PRO A 119 13.53 2.85 -2.56
N ALA A 120 14.66 2.95 -1.85
CA ALA A 120 15.89 2.15 -2.11
C ALA A 120 15.55 0.66 -2.05
N SER A 121 14.67 0.26 -1.11
CA SER A 121 14.20 -1.13 -0.81
C SER A 121 13.14 -1.63 -1.80
N ALA A 122 12.62 -0.79 -2.70
CA ALA A 122 11.52 -1.13 -3.62
C ALA A 122 11.83 -2.45 -4.37
N TRP A 123 11.02 -3.49 -4.20
CA TRP A 123 11.13 -4.77 -4.93
C TRP A 123 12.54 -5.39 -4.73
N GLU A 124 13.12 -5.23 -3.56
CA GLU A 124 14.41 -5.89 -3.19
C GLU A 124 14.30 -7.40 -3.47
N PHE A 125 13.15 -8.00 -3.23
CA PHE A 125 12.93 -9.47 -3.41
C PHE A 125 14.11 -10.23 -2.76
N SER A 126 14.27 -10.07 -1.47
CA SER A 126 15.31 -10.80 -0.71
C SER A 126 14.94 -12.28 -0.75
N ALA A 127 15.93 -13.16 -0.93
CA ALA A 127 15.74 -14.62 -0.77
C ALA A 127 15.49 -14.95 0.70
N GLN A 128 15.88 -14.09 1.64
CA GLN A 128 15.71 -14.32 3.10
C GLN A 128 14.34 -13.78 3.50
N GLY A 129 13.48 -14.63 4.05
CA GLY A 129 12.17 -14.21 4.54
C GLY A 129 12.30 -13.30 5.74
N ILE A 130 11.35 -12.38 5.92
CA ILE A 130 11.38 -11.46 7.07
C ILE A 130 10.73 -12.15 8.26
N LYS A 131 10.88 -11.53 9.42
CA LYS A 131 10.33 -12.04 10.69
C LYS A 131 9.23 -11.09 11.17
N ILE A 132 8.03 -11.64 11.38
CA ILE A 132 6.86 -10.79 11.78
C ILE A 132 6.20 -11.42 12.99
N ILE A 133 5.44 -10.60 13.70
CA ILE A 133 4.59 -11.02 14.83
C ILE A 133 3.12 -10.88 14.43
N THR A 134 2.29 -11.74 15.02
CA THR A 134 0.82 -11.59 14.99
C THR A 134 0.45 -10.50 15.98
N HIS A 135 -0.58 -9.73 15.66
CA HIS A 135 -1.14 -8.71 16.58
C HIS A 135 -2.66 -8.68 16.45
N PRO A 136 -3.39 -8.86 17.57
CA PRO A 136 -4.86 -8.86 17.53
C PRO A 136 -5.42 -7.45 17.29
N PHE A 137 -6.05 -7.23 16.15
CA PHE A 137 -6.53 -5.89 15.71
C PHE A 137 -7.30 -6.03 14.40
N GLN A 138 -8.27 -5.15 14.22
CA GLN A 138 -9.08 -4.99 12.99
C GLN A 138 -9.10 -3.49 12.60
N ARG A 139 -8.52 -3.16 11.46
CA ARG A 139 -8.56 -1.78 10.90
C ARG A 139 -10.01 -1.32 10.76
N GLU A 140 -10.21 -0.03 11.02
CA GLU A 140 -11.50 0.70 10.83
C GLU A 140 -11.74 0.90 9.33
N LEU A 141 -12.98 0.77 8.83
CA LEU A 141 -13.28 1.08 7.41
C LEU A 141 -12.21 0.45 6.50
N PRO A 142 -11.90 -0.85 6.68
CA PRO A 142 -10.73 -1.45 6.01
C PRO A 142 -10.70 -1.37 4.47
N GLU A 143 -11.85 -1.28 3.80
CA GLU A 143 -11.87 -1.21 2.32
C GLU A 143 -11.46 0.17 1.82
N VAL A 144 -11.41 1.16 2.71
CA VAL A 144 -11.08 2.58 2.38
C VAL A 144 -9.63 2.84 2.79
N LYS A 145 -8.86 3.48 1.91
CA LYS A 145 -7.48 3.87 2.26
C LYS A 145 -7.48 5.20 3.02
N THR A 146 -7.87 5.16 4.31
CA THR A 146 -7.85 6.34 5.21
C THR A 146 -6.39 6.65 5.57
N ILE A 147 -6.17 7.86 6.12
CA ILE A 147 -4.85 8.28 6.64
C ILE A 147 -4.62 7.64 8.04
N ASN A 148 -5.55 6.86 8.58
CA ASN A 148 -5.50 6.42 10.00
CA ASN A 148 -5.48 6.41 10.00
C ASN A 148 -4.51 5.24 10.12
N TYR A 149 -3.26 5.50 10.50
CA TYR A 149 -2.21 4.47 10.63
C TYR A 149 -1.74 4.41 12.08
N SER A 150 -2.55 4.84 13.05
CA SER A 150 -2.03 4.99 14.44
C SER A 150 -1.64 3.63 15.05
N THR A 151 -2.43 2.55 14.87
CA THR A 151 -2.07 1.23 15.48
C THR A 151 -0.75 0.77 14.84
N GLY A 152 -0.65 0.82 13.52
CA GLY A 152 0.57 0.41 12.81
C GLY A 152 1.80 1.15 13.29
N ILE A 153 1.68 2.46 13.46
CA ILE A 153 2.84 3.29 13.87
C ILE A 153 3.15 3.04 15.34
N ARG A 154 2.14 2.99 16.19
CA ARG A 154 2.29 2.79 17.65
CA ARG A 154 2.30 2.79 17.65
C ARG A 154 3.00 1.45 17.89
N MET A 155 2.69 0.43 17.08
CA MET A 155 3.30 -0.94 17.19
C MET A 155 4.80 -0.99 16.79
N LEU A 156 5.34 0.04 16.12
CA LEU A 156 6.77 0.05 15.68
C LEU A 156 7.72 -0.34 16.81
N LYS A 157 7.53 0.21 18.01
CA LYS A 157 8.46 -0.02 19.13
C LYS A 157 8.43 -1.51 19.52
N THR A 158 7.24 -2.09 19.66
CA THR A 158 7.03 -3.47 20.12
C THR A 158 7.59 -4.43 19.06
N ILE A 159 7.26 -4.19 17.79
CA ILE A 159 7.78 -4.95 16.63
C ILE A 159 9.32 -5.01 16.76
N LYS A 160 9.97 -3.86 16.89
CA LYS A 160 11.46 -3.80 16.90
C LYS A 160 11.98 -4.44 18.19
N GLU A 161 11.35 -4.16 19.31
CA GLU A 161 11.73 -4.75 20.63
C GLU A 161 11.77 -6.28 20.52
N ARG A 162 10.78 -6.87 19.82
CA ARG A 162 10.58 -8.34 19.84
CA ARG A 162 10.53 -8.35 19.82
C ARG A 162 11.41 -9.00 18.74
N GLY A 163 12.19 -8.22 18.00
CA GLY A 163 13.14 -8.70 16.98
C GLY A 163 12.47 -8.96 15.64
N ALA A 164 11.31 -8.33 15.41
CA ALA A 164 10.54 -8.45 14.16
C ALA A 164 10.72 -7.20 13.32
N THR A 165 10.29 -7.22 12.07
CA THR A 165 10.34 -6.01 11.22
C THR A 165 8.93 -5.67 10.80
N ASP A 166 7.93 -6.48 11.14
CA ASP A 166 6.54 -6.20 10.70
C ASP A 166 5.55 -7.02 11.53
N LEU A 167 4.29 -6.84 11.24
CA LEU A 167 3.18 -7.54 11.95
C LEU A 167 2.16 -8.00 10.95
N ILE A 168 1.33 -8.93 11.39
CA ILE A 168 0.11 -9.37 10.69
C ILE A 168 -1.00 -9.20 11.70
N TYR A 169 -1.97 -8.36 11.35
CA TYR A 169 -3.21 -8.17 12.12
C TYR A 169 -4.09 -9.42 12.00
N VAL A 170 -4.57 -9.85 13.17
CA VAL A 170 -5.53 -10.97 13.32
C VAL A 170 -6.75 -10.44 14.04
N ASP A 171 -7.85 -10.33 13.32
CA ASP A 171 -9.16 -9.84 13.85
C ASP A 171 -9.61 -10.77 14.98
N GLN A 172 -9.57 -10.23 16.21
CA GLN A 172 -9.99 -10.88 17.47
C GLN A 172 -9.12 -12.11 17.70
N GLY A 173 -7.86 -12.02 17.27
CA GLY A 173 -6.88 -13.13 17.31
C GLY A 173 -7.38 -14.38 16.59
N GLU A 174 -8.45 -14.27 15.80
CA GLU A 174 -9.06 -15.43 15.11
C GLU A 174 -8.76 -15.40 13.61
N TRP A 175 -8.98 -14.26 12.96
CA TRP A 175 -9.03 -14.16 11.47
C TRP A 175 -7.88 -13.32 10.92
N ILE A 176 -7.04 -13.95 10.14
CA ILE A 176 -5.89 -13.27 9.49
C ILE A 176 -6.40 -12.25 8.46
N ARG A 177 -5.85 -11.04 8.50
CA ARG A 177 -6.28 -9.94 7.61
C ARG A 177 -5.12 -9.47 6.73
N GLU A 178 -4.38 -8.50 7.27
CA GLU A 178 -3.31 -7.85 6.50
C GLU A 178 -2.37 -7.18 7.50
N SER A 179 -1.20 -6.69 7.05
CA SER A 179 -0.36 -5.78 7.88
C SER A 179 -0.89 -4.35 7.72
N ALA A 180 -0.23 -3.42 8.39
CA ALA A 180 -0.61 -1.99 8.39
C ALA A 180 -0.48 -1.46 6.96
N ARG A 181 0.44 -1.99 6.12
CA ARG A 181 0.80 -1.43 4.81
CA ARG A 181 0.72 -1.43 4.79
C ARG A 181 0.91 -2.54 3.74
N SER A 182 0.41 -3.75 3.99
CA SER A 182 0.63 -4.90 3.05
C SER A 182 -0.54 -5.86 3.08
N ASN A 183 -0.85 -6.51 1.96
CA ASN A 183 -1.75 -7.69 1.95
C ASN A 183 -0.91 -8.92 2.30
N PHE A 184 -1.60 -9.96 2.77
CA PHE A 184 -0.97 -11.16 3.35
C PHE A 184 -1.52 -12.37 2.62
N PHE A 185 -0.61 -13.27 2.23
CA PHE A 185 -0.94 -14.50 1.48
C PHE A 185 -0.25 -15.70 2.11
N LEU A 186 -0.93 -16.85 2.03
CA LEU A 186 -0.36 -18.15 2.38
C LEU A 186 -0.29 -18.95 1.10
N VAL A 187 0.71 -19.80 0.99
CA VAL A 187 0.73 -20.89 -0.02
C VAL A 187 0.66 -22.22 0.73
N MET A 188 -0.32 -23.05 0.39
CA MET A 188 -0.45 -24.38 1.05
C MET A 188 0.46 -25.42 0.39
N PRO A 189 0.69 -26.57 1.06
CA PRO A 189 1.56 -27.62 0.51
C PRO A 189 1.14 -28.17 -0.87
N ASP A 190 -0.14 -28.16 -1.20
CA ASP A 190 -0.68 -28.50 -2.55
C ASP A 190 -0.63 -27.29 -3.50
N ASN A 191 -0.02 -26.17 -3.08
CA ASN A 191 0.26 -25.00 -3.95
C ASN A 191 -0.98 -24.10 -4.10
N THR A 192 -2.06 -24.37 -3.37
CA THR A 192 -3.23 -23.47 -3.28
C THR A 192 -2.75 -22.18 -2.58
N ILE A 193 -3.01 -21.04 -3.20
CA ILE A 193 -2.75 -19.70 -2.62
C ILE A 193 -4.00 -19.24 -1.87
N VAL A 194 -3.83 -18.73 -0.64
CA VAL A 194 -4.99 -18.32 0.19
C VAL A 194 -4.74 -16.89 0.64
N THR A 195 -5.77 -16.03 0.53
CA THR A 195 -5.70 -14.63 1.02
C THR A 195 -7.10 -14.15 1.46
N ALA A 196 -7.16 -13.25 2.43
CA ALA A 196 -8.40 -12.69 3.00
C ALA A 196 -9.20 -12.05 1.86
N ASP A 197 -10.53 -12.21 1.86
CA ASP A 197 -11.44 -11.56 0.88
C ASP A 197 -12.01 -10.30 1.53
N GLU A 198 -12.37 -10.33 2.81
CA GLU A 198 -13.18 -9.29 3.49
C GLU A 198 -12.41 -8.53 4.59
N LYS A 199 -12.86 -7.33 4.91
CA LYS A 199 -12.32 -6.49 6.01
C LYS A 199 -10.81 -6.28 5.83
N ILE A 200 -10.40 -6.05 4.57
CA ILE A 200 -9.00 -5.68 4.20
C ILE A 200 -9.08 -4.64 3.10
N LEU A 201 -7.99 -3.89 2.92
CA LEU A 201 -7.81 -3.02 1.74
C LEU A 201 -7.57 -3.92 0.54
N TRP A 202 -8.23 -3.65 -0.56
CA TRP A 202 -8.00 -4.36 -1.85
C TRP A 202 -6.78 -3.73 -2.54
N GLY A 203 -5.60 -4.25 -2.21
CA GLY A 203 -4.35 -3.68 -2.75
C GLY A 203 -4.26 -3.81 -4.26
N ILE A 204 -3.56 -2.87 -4.89
CA ILE A 204 -3.30 -2.97 -6.34
C ILE A 204 -2.34 -4.14 -6.57
N THR A 205 -1.34 -4.31 -5.70
CA THR A 205 -0.35 -5.39 -5.83
C THR A 205 -1.04 -6.76 -5.67
N ARG A 206 -1.86 -6.90 -4.64
CA ARG A 206 -2.73 -8.08 -4.39
C ARG A 206 -3.50 -8.43 -5.68
N ARG A 207 -4.12 -7.44 -6.31
CA ARG A 207 -4.92 -7.66 -7.55
C ARG A 207 -4.00 -8.27 -8.61
N GLN A 208 -2.89 -7.62 -8.90
CA GLN A 208 -1.97 -8.06 -9.98
C GLN A 208 -1.43 -9.47 -9.68
N VAL A 209 -1.15 -9.77 -8.41
CA VAL A 209 -0.57 -11.07 -8.02
C VAL A 209 -1.65 -12.16 -8.08
N ILE A 210 -2.86 -11.88 -7.64
CA ILE A 210 -3.96 -12.86 -7.78
C ILE A 210 -4.17 -13.17 -9.27
N ASP A 211 -4.26 -12.15 -10.09
CA ASP A 211 -4.45 -12.31 -11.56
C ASP A 211 -3.32 -13.15 -12.13
N ALA A 212 -2.06 -12.78 -11.87
CA ALA A 212 -0.88 -13.53 -12.36
C ALA A 212 -0.93 -15.00 -11.90
N ALA A 213 -1.28 -15.26 -10.65
CA ALA A 213 -1.32 -16.64 -10.10
C ALA A 213 -2.37 -17.45 -10.89
N ARG A 214 -3.56 -16.88 -11.10
CA ARG A 214 -4.68 -17.57 -11.81
C ARG A 214 -4.25 -17.82 -13.26
N GLU A 215 -3.63 -16.82 -13.92
CA GLU A 215 -3.09 -16.98 -15.29
C GLU A 215 -2.10 -18.14 -15.36
N ALA A 216 -1.35 -18.41 -14.28
CA ALA A 216 -0.35 -19.50 -14.20
C ALA A 216 -1.02 -20.82 -13.85
N GLY A 217 -2.31 -20.81 -13.53
CA GLY A 217 -3.09 -22.03 -13.24
C GLY A 217 -3.05 -22.40 -11.77
N TYR A 218 -2.55 -21.52 -10.89
CA TYR A 218 -2.70 -21.76 -9.43
C TYR A 218 -4.15 -21.57 -9.04
N ALA A 219 -4.59 -22.37 -8.08
CA ALA A 219 -5.83 -22.14 -7.33
C ALA A 219 -5.56 -21.00 -6.35
N VAL A 220 -6.35 -19.93 -6.41
CA VAL A 220 -6.28 -18.81 -5.44
C VAL A 220 -7.61 -18.71 -4.73
N GLU A 221 -7.65 -19.07 -3.45
CA GLU A 221 -8.84 -18.95 -2.59
C GLU A 221 -8.82 -17.59 -1.89
N GLU A 222 -9.85 -16.79 -2.13
CA GLU A 222 -10.13 -15.54 -1.35
C GLU A 222 -11.20 -15.87 -0.35
N ARG A 223 -10.84 -15.97 0.91
CA ARG A 223 -11.76 -16.48 1.96
C ARG A 223 -11.27 -15.97 3.31
N ARG A 224 -12.02 -16.18 4.37
CA ARG A 224 -11.50 -15.92 5.72
C ARG A 224 -10.48 -17.03 6.04
N ILE A 225 -9.42 -16.64 6.75
CA ILE A 225 -8.27 -17.54 7.09
C ILE A 225 -8.21 -17.61 8.61
N HIS A 226 -8.34 -18.81 9.18
CA HIS A 226 -8.24 -18.95 10.65
C HIS A 226 -6.75 -18.90 11.03
N ILE A 227 -6.44 -18.35 12.20
CA ILE A 227 -5.05 -18.27 12.75
C ILE A 227 -4.38 -19.66 12.71
N THR A 228 -5.13 -20.74 12.96
CA THR A 228 -4.59 -22.14 13.01
C THR A 228 -4.12 -22.59 11.63
N GLU A 229 -4.62 -21.95 10.57
CA GLU A 229 -4.21 -22.31 9.19
C GLU A 229 -2.78 -21.89 8.88
N LEU A 230 -2.11 -21.08 9.72
CA LEU A 230 -0.65 -20.83 9.57
C LEU A 230 0.08 -22.17 9.58
N ASP A 231 -0.30 -23.09 10.48
CA ASP A 231 0.33 -24.43 10.58
C ASP A 231 0.07 -25.27 9.33
N GLN A 232 -0.95 -24.99 8.51
CA GLN A 232 -1.13 -25.80 7.29
C GLN A 232 -0.26 -25.22 6.15
N ALA A 233 0.19 -23.96 6.25
CA ALA A 233 0.86 -23.26 5.12
C ALA A 233 2.33 -23.68 4.95
N ARG A 234 2.80 -23.79 3.72
CA ARG A 234 4.22 -23.95 3.39
C ARG A 234 4.90 -22.58 3.32
N GLU A 235 4.21 -21.62 2.72
CA GLU A 235 4.80 -20.29 2.43
C GLU A 235 3.84 -19.21 2.93
N ALA A 236 4.43 -18.08 3.27
CA ALA A 236 3.73 -16.83 3.62
C ALA A 236 4.44 -15.68 2.90
N PHE A 237 3.69 -14.73 2.33
CA PHE A 237 4.27 -13.51 1.75
C PHE A 237 3.35 -12.28 1.88
N PHE A 238 3.96 -11.10 1.81
CA PHE A 238 3.27 -9.81 1.70
C PHE A 238 3.24 -9.37 0.24
N THR A 239 2.20 -8.64 -0.14
CA THR A 239 2.17 -7.79 -1.35
C THR A 239 2.01 -6.33 -0.89
N SER A 240 2.71 -5.41 -1.53
CA SER A 240 2.43 -3.96 -1.41
C SER A 240 3.10 -3.27 -2.56
N THR A 241 2.71 -2.02 -2.77
CA THR A 241 3.33 -1.15 -3.79
C THR A 241 4.85 -1.16 -3.68
N ILE A 242 5.41 -0.98 -2.48
CA ILE A 242 6.90 -0.89 -2.28
C ILE A 242 7.54 -2.28 -2.26
N LYS A 243 6.89 -3.27 -1.65
CA LYS A 243 7.51 -4.60 -1.45
C LYS A 243 7.47 -5.45 -2.73
N GLY A 244 6.44 -5.23 -3.53
CA GLY A 244 6.06 -6.14 -4.61
C GLY A 244 5.54 -7.41 -3.98
N VAL A 245 6.33 -8.48 -4.05
CA VAL A 245 6.06 -9.75 -3.32
C VAL A 245 7.26 -9.97 -2.39
N MET A 246 7.01 -10.12 -1.10
CA MET A 246 8.09 -10.19 -0.09
C MET A 246 7.83 -11.44 0.75
N ALA A 247 8.83 -12.31 0.73
CA ALA A 247 8.86 -13.58 1.48
C ALA A 247 8.82 -13.28 2.98
N ILE A 248 7.99 -14.01 3.69
CA ILE A 248 7.95 -14.01 5.16
C ILE A 248 8.56 -15.34 5.60
N GLY A 249 9.66 -15.26 6.35
CA GLY A 249 10.39 -16.45 6.77
C GLY A 249 10.01 -16.92 8.16
N GLN A 250 9.39 -16.06 8.97
CA GLN A 250 8.99 -16.45 10.34
C GLN A 250 7.78 -15.64 10.79
N ILE A 251 6.80 -16.32 11.39
CA ILE A 251 5.67 -15.67 12.06
C ILE A 251 5.71 -16.16 13.49
N ASP A 252 5.91 -15.26 14.45
CA ASP A 252 6.03 -15.67 15.87
C ASP A 252 7.10 -16.79 15.97
N ASP A 253 6.75 -18.00 16.38
CA ASP A 253 7.74 -19.07 16.69
C ASP A 253 7.80 -20.07 15.54
N ARG A 254 7.14 -19.77 14.42
CA ARG A 254 7.06 -20.68 13.23
C ARG A 254 7.99 -20.19 12.12
N VAL A 255 8.93 -21.03 11.72
CA VAL A 255 9.79 -20.80 10.53
C VAL A 255 9.07 -21.45 9.37
N PHE A 256 8.89 -20.67 8.30
CA PHE A 256 8.34 -21.14 7.01
C PHE A 256 9.48 -21.79 6.23
N GLY A 257 9.43 -23.12 6.10
CA GLY A 257 10.51 -23.88 5.46
C GLY A 257 11.80 -23.66 6.26
N ASP A 258 12.85 -23.25 5.57
CA ASP A 258 14.17 -22.97 6.16
C ASP A 258 14.31 -21.46 6.39
N GLY A 259 13.21 -20.70 6.21
CA GLY A 259 13.21 -19.23 6.38
C GLY A 259 13.46 -18.50 5.09
N THR A 260 13.86 -19.21 4.04
CA THR A 260 14.18 -18.59 2.73
C THR A 260 12.92 -18.64 1.88
N ILE A 261 12.94 -17.87 0.80
CA ILE A 261 11.74 -17.65 -0.07
C ILE A 261 11.21 -18.97 -0.62
N GLY A 262 9.89 -19.17 -0.54
CA GLY A 262 9.29 -20.43 -1.03
C GLY A 262 9.22 -20.43 -2.55
N LYS A 263 8.98 -21.59 -3.16
CA LYS A 263 8.98 -21.69 -4.65
C LYS A 263 7.86 -20.82 -5.23
N VAL A 264 6.65 -20.84 -4.68
CA VAL A 264 5.49 -20.19 -5.38
C VAL A 264 5.71 -18.69 -5.19
N THR A 265 6.20 -18.29 -4.02
CA THR A 265 6.53 -16.87 -3.72
C THR A 265 7.54 -16.36 -4.74
N GLN A 266 8.60 -17.13 -5.04
CA GLN A 266 9.63 -16.65 -5.99
CA GLN A 266 9.67 -16.77 -6.01
C GLN A 266 8.98 -16.54 -7.37
N GLU A 267 8.12 -17.49 -7.74
CA GLU A 267 7.43 -17.44 -9.06
C GLU A 267 6.54 -16.20 -9.18
N LEU A 268 5.77 -15.91 -8.15
CA LEU A 268 4.86 -14.73 -8.09
C LEU A 268 5.65 -13.43 -8.15
N GLN A 269 6.82 -13.35 -7.52
CA GLN A 269 7.76 -12.21 -7.70
C GLN A 269 8.02 -12.00 -9.18
N ASP A 270 8.48 -13.04 -9.89
CA ASP A 270 8.77 -12.94 -11.35
C ASP A 270 7.51 -12.54 -12.09
N LEU A 271 6.35 -13.11 -11.77
CA LEU A 271 5.12 -12.78 -12.54
C LEU A 271 4.69 -11.36 -12.22
N PHE A 272 4.91 -10.89 -11.00
CA PHE A 272 4.60 -9.49 -10.65
C PHE A 272 5.41 -8.56 -11.55
N VAL A 273 6.71 -8.85 -11.68
CA VAL A 273 7.62 -8.02 -12.51
C VAL A 273 7.13 -8.11 -13.95
N GLY A 274 6.67 -9.27 -14.39
CA GLY A 274 5.94 -9.45 -15.67
C GLY A 274 4.77 -8.48 -15.85
N LYS A 275 3.87 -8.40 -14.87
CA LYS A 275 2.72 -7.46 -14.89
C LYS A 275 3.23 -6.02 -15.05
N VAL A 276 4.26 -5.64 -14.30
CA VAL A 276 4.87 -4.28 -14.37
C VAL A 276 5.36 -4.02 -15.79
N LYS A 277 6.21 -4.91 -16.32
CA LYS A 277 6.77 -4.73 -17.70
C LYS A 277 5.63 -4.58 -18.70
N ALA A 278 4.60 -5.43 -18.64
CA ALA A 278 3.42 -5.40 -19.55
C ALA A 278 2.71 -4.06 -19.42
N TYR A 279 2.53 -3.56 -18.19
CA TYR A 279 1.93 -2.23 -17.97
C TYR A 279 2.76 -1.18 -18.71
N LEU A 280 4.08 -1.16 -18.52
CA LEU A 280 4.96 -0.09 -19.03
C LEU A 280 5.02 -0.17 -20.57
N GLU A 281 4.74 -1.34 -21.15
CA GLU A 281 4.68 -1.53 -22.64
C GLU A 281 3.42 -0.87 -23.20
N THR A 282 2.31 -0.80 -22.45
CA THR A 282 1.09 -0.04 -22.85
C THR A 282 1.24 1.48 -22.68
N CYS A 283 2.36 2.03 -22.18
CA CYS A 283 2.53 3.49 -21.90
C CYS A 283 3.38 4.19 -22.96
N ZXN B . -0.34 0.99 1.89
C6 ZXN B . -2.59 -3.25 1.98
C5 ZXN B . -1.79 -2.34 1.32
C4 ZXN B . -1.63 -1.06 1.86
C3 ZXN B . -2.31 -0.76 3.06
C2 ZXN B . -3.11 -1.75 3.67
N1 ZXN B . -3.25 -2.94 3.11
C2A ZXN B . -3.84 -1.46 4.94
O3 ZXN B . -2.23 0.47 3.64
C4A ZXN B . -0.77 -0.04 1.23
C5A ZXN B . -1.16 -2.74 0.03
O4P ZXN B . -1.84 -2.01 -1.04
P ZXN B . -1.09 -1.76 -2.46
O1P ZXN B . -2.16 -1.11 -3.27
O2P ZXN B . 0.17 -0.92 -2.15
O3P ZXN B . -0.60 -3.15 -3.03
N' ZXN B . 0.64 1.78 1.30
CG ZXN B . 1.32 2.75 2.07
CD2 ZXN B . 2.47 3.35 1.56
CE2 ZXN B . 3.15 4.30 2.33
CZ ZXN B . 2.69 4.67 3.58
CE1 ZXN B . 1.55 4.06 4.10
CD1 ZXN B . 0.87 3.11 3.34
C1 GOL C . -8.27 -2.94 -5.94
O1 GOL C . -8.78 -1.65 -5.57
C2 GOL C . -8.72 -3.33 -7.35
O2 GOL C . -7.60 -3.28 -8.24
C3 GOL C . -9.43 -4.66 -7.41
O3 GOL C . -8.94 -5.63 -6.46
#